data_5OAK
#
_entry.id   5OAK
#
_cell.length_a   60.880
_cell.length_b   60.880
_cell.length_c   65.050
_cell.angle_alpha   90.000
_cell.angle_beta   90.000
_cell.angle_gamma   120.000
#
_symmetry.space_group_name_H-M   'P 31'
#
loop_
_entity.id
_entity.type
_entity.pdbx_description
1 polymer 'Bazooka, isoform C,LD29223p'
2 non-polymer GLYCEROL
3 water water
#
_entity_poly.entity_id   1
_entity_poly.type   'polypeptide(L)'
_entity_poly.pdbx_seq_one_letter_code
;GAMGDGEMLLIINEYGSPLGLTALPDKEHGGGLLVQHVEPGSRAERGRLRRDDRILEINGIKLIGLTESQVQEQLRRALE
SSELRVRVLRGDRNGGGSGSGGGGSGGSGVKDGVLHL
;
_entity_poly.pdbx_strand_id   A,B,C,D
#
# COMPACT_ATOMS: atom_id res chain seq x y z
N ALA A 2 -32.80 2.16 -3.60
CA ALA A 2 -33.95 1.27 -3.34
C ALA A 2 -34.11 0.84 -1.88
N MET A 3 -35.35 0.71 -1.45
CA MET A 3 -35.56 0.17 -0.11
C MET A 3 -34.89 -1.18 -0.03
N GLY A 4 -34.29 -1.44 1.10
CA GLY A 4 -33.63 -2.71 1.28
C GLY A 4 -32.23 -2.80 0.70
N ASP A 5 -31.67 -1.71 0.19
CA ASP A 5 -30.36 -1.87 -0.46
C ASP A 5 -29.18 -1.60 0.49
N GLY A 6 -29.45 -1.45 1.77
CA GLY A 6 -28.34 -1.30 2.70
C GLY A 6 -27.89 0.14 2.84
N GLU A 7 -26.64 0.30 3.27
CA GLU A 7 -26.13 1.63 3.63
C GLU A 7 -24.91 1.92 2.80
N MET A 8 -24.80 3.14 2.31
CA MET A 8 -23.59 3.50 1.57
CA MET A 8 -23.62 3.60 1.57
C MET A 8 -22.59 4.18 2.53
N LEU A 9 -21.40 3.61 2.56
CA LEU A 9 -20.30 4.08 3.40
C LEU A 9 -19.23 4.70 2.53
N LEU A 10 -18.42 5.55 3.14
CA LEU A 10 -17.31 6.19 2.43
C LEU A 10 -16.04 5.90 3.21
N ILE A 11 -15.07 5.29 2.55
CA ILE A 11 -13.75 5.07 3.16
C ILE A 11 -12.74 5.89 2.39
N ILE A 12 -11.96 6.72 3.07
CA ILE A 12 -10.93 7.48 2.37
C ILE A 12 -9.74 6.54 2.09
N ASN A 13 -9.21 6.56 0.88
CA ASN A 13 -8.12 5.65 0.52
C ASN A 13 -6.78 6.34 0.77
N GLU A 14 -5.89 5.68 1.42
CA GLU A 14 -4.52 6.17 1.64
C GLU A 14 -3.64 5.32 0.76
N TYR A 15 -3.04 5.91 -0.25
CA TYR A 15 -2.33 5.11 -1.26
C TYR A 15 -1.11 4.41 -0.64
N GLY A 16 -1.03 3.09 -0.80
CA GLY A 16 0.09 2.35 -0.24
C GLY A 16 -0.07 1.88 1.19
N SER A 17 -1.17 2.23 1.82
CA SER A 17 -1.38 1.89 3.21
CA SER A 17 -1.38 1.87 3.22
C SER A 17 -2.65 1.08 3.40
N PRO A 18 -2.60 0.07 4.29
CA PRO A 18 -3.82 -0.71 4.49
C PRO A 18 -4.95 0.16 5.04
N LEU A 19 -6.18 -0.15 4.65
CA LEU A 19 -7.36 0.55 5.15
C LEU A 19 -7.90 -0.05 6.43
N GLY A 20 -7.45 -1.24 6.76
CA GLY A 20 -7.82 -1.83 8.04
C GLY A 20 -8.96 -2.83 8.01
N LEU A 21 -9.17 -3.50 6.89
CA LEU A 21 -10.30 -4.41 6.59
CA LEU A 21 -10.19 -4.52 6.98
C LEU A 21 -9.77 -5.83 6.38
N THR A 22 -10.37 -6.84 7.00
CA THR A 22 -10.17 -8.21 6.58
CA THR A 22 -10.19 -8.20 6.51
C THR A 22 -11.53 -8.71 6.10
N ALA A 23 -11.60 -9.29 4.91
CA ALA A 23 -12.86 -9.74 4.34
C ALA A 23 -12.66 -11.06 3.67
N LEU A 24 -13.74 -11.77 3.50
CA LEU A 24 -13.72 -13.03 2.78
C LEU A 24 -14.97 -13.18 1.93
N PRO A 25 -14.86 -13.92 0.84
CA PRO A 25 -16.03 -14.11 -0.02
C PRO A 25 -17.20 -14.68 0.74
N ASP A 26 -18.37 -14.11 0.53
CA ASP A 26 -19.56 -14.57 1.19
C ASP A 26 -20.27 -15.69 0.47
N LYS A 27 -19.85 -16.88 0.80
CA LYS A 27 -20.22 -18.09 0.08
C LYS A 27 -21.69 -18.44 0.31
N GLU A 28 -22.12 -18.30 1.54
CA GLU A 28 -23.37 -18.86 1.96
C GLU A 28 -24.55 -17.92 1.71
N HIS A 29 -24.30 -16.61 1.55
CA HIS A 29 -25.39 -15.65 1.63
C HIS A 29 -25.66 -14.94 0.34
N GLY A 30 -25.11 -15.46 -0.74
CA GLY A 30 -25.47 -14.93 -2.05
C GLY A 30 -24.38 -14.17 -2.75
N GLY A 31 -23.30 -13.88 -2.04
CA GLY A 31 -22.15 -13.27 -2.67
C GLY A 31 -21.82 -11.95 -2.06
N GLY A 32 -20.79 -11.31 -2.61
CA GLY A 32 -20.25 -10.15 -1.91
C GLY A 32 -19.11 -10.56 -0.99
N LEU A 33 -18.70 -9.64 -0.13
CA LEU A 33 -17.60 -9.86 0.78
C LEU A 33 -18.12 -9.70 2.19
N LEU A 34 -17.79 -10.65 3.06
CA LEU A 34 -18.16 -10.57 4.47
C LEU A 34 -17.02 -9.97 5.26
N VAL A 35 -17.29 -8.91 6.01
CA VAL A 35 -16.22 -8.28 6.80
C VAL A 35 -15.93 -9.12 8.06
N GLN A 36 -14.70 -9.58 8.22
CA GLN A 36 -14.37 -10.35 9.41
C GLN A 36 -13.77 -9.49 10.50
N HIS A 37 -13.04 -8.47 10.15
CA HIS A 37 -12.38 -7.67 11.16
C HIS A 37 -12.12 -6.29 10.62
N VAL A 38 -12.24 -5.31 11.52
CA VAL A 38 -11.94 -3.92 11.20
C VAL A 38 -10.96 -3.43 12.27
N GLU A 39 -9.82 -2.91 11.83
CA GLU A 39 -8.77 -2.50 12.77
C GLU A 39 -9.17 -1.22 13.48
N PRO A 40 -8.96 -1.17 14.80
CA PRO A 40 -9.31 0.03 15.56
C PRO A 40 -8.53 1.24 15.05
N GLY A 41 -9.25 2.36 14.89
CA GLY A 41 -8.61 3.60 14.50
C GLY A 41 -8.33 3.72 13.03
N SER A 42 -8.70 2.70 12.26
CA SER A 42 -8.35 2.66 10.83
C SER A 42 -9.29 3.46 9.96
N ARG A 43 -8.92 3.60 8.71
CA ARG A 43 -9.80 4.32 7.76
C ARG A 43 -11.06 3.57 7.53
N ALA A 44 -11.01 2.23 7.52
CA ALA A 44 -12.24 1.46 7.39
C ALA A 44 -13.14 1.68 8.62
N GLU A 45 -12.54 1.71 9.84
CA GLU A 45 -13.36 1.94 11.03
C GLU A 45 -13.99 3.34 10.99
N ARG A 46 -13.23 4.33 10.58
CA ARG A 46 -13.76 5.68 10.54
CA ARG A 46 -13.75 5.70 10.50
C ARG A 46 -14.89 5.78 9.52
N GLY A 47 -14.83 4.97 8.45
CA GLY A 47 -15.92 4.96 7.48
C GLY A 47 -17.12 4.13 7.91
N ARG A 48 -17.08 3.60 9.13
CA ARG A 48 -18.19 2.90 9.79
CA ARG A 48 -18.18 2.91 9.80
C ARG A 48 -18.41 1.48 9.30
N LEU A 49 -17.39 0.88 8.72
CA LEU A 49 -17.40 -0.55 8.43
C LEU A 49 -17.35 -1.32 9.75
N ARG A 50 -18.08 -2.42 9.84
CA ARG A 50 -18.14 -3.27 11.03
C ARG A 50 -18.06 -4.74 10.69
N ARG A 51 -17.54 -5.53 11.63
CA ARG A 51 -17.58 -6.98 11.52
C ARG A 51 -19.00 -7.46 11.17
N ASP A 52 -19.07 -8.45 10.29
CA ASP A 52 -20.32 -9.05 9.78
C ASP A 52 -21.10 -8.16 8.78
N ASP A 53 -20.59 -6.99 8.41
CA ASP A 53 -21.11 -6.30 7.23
C ASP A 53 -20.93 -7.21 6.01
N ARG A 54 -21.91 -7.21 5.12
CA ARG A 54 -21.75 -7.83 3.82
C ARG A 54 -21.62 -6.74 2.77
N ILE A 55 -20.46 -6.67 2.14
CA ILE A 55 -20.19 -5.62 1.14
C ILE A 55 -20.78 -6.10 -0.19
N LEU A 56 -21.67 -5.30 -0.77
CA LEU A 56 -22.38 -5.68 -1.99
C LEU A 56 -21.89 -4.94 -3.23
N GLU A 57 -21.23 -3.81 -3.03
CA GLU A 57 -20.92 -2.95 -4.17
CA GLU A 57 -20.95 -2.92 -4.15
C GLU A 57 -19.76 -2.05 -3.81
N ILE A 58 -18.85 -1.82 -4.75
CA ILE A 58 -17.70 -0.95 -4.50
C ILE A 58 -17.58 0.01 -5.65
N ASN A 59 -17.65 1.31 -5.37
CA ASN A 59 -17.53 2.36 -6.40
C ASN A 59 -18.46 2.06 -7.58
N GLY A 60 -19.68 1.67 -7.23
CA GLY A 60 -20.73 1.46 -8.22
C GLY A 60 -20.72 0.11 -8.95
N ILE A 61 -19.76 -0.73 -8.64
CA ILE A 61 -19.62 -2.04 -9.29
C ILE A 61 -20.25 -3.07 -8.33
N LYS A 62 -21.38 -3.63 -8.73
CA LYS A 62 -22.06 -4.66 -7.93
C LYS A 62 -21.23 -5.92 -7.87
N LEU A 63 -21.05 -6.47 -6.68
CA LEU A 63 -20.21 -7.65 -6.55
C LEU A 63 -20.97 -8.96 -6.76
N ILE A 64 -22.29 -8.99 -6.54
CA ILE A 64 -23.05 -10.25 -6.68
C ILE A 64 -23.01 -10.69 -8.15
N GLY A 65 -22.70 -11.97 -8.39
CA GLY A 65 -22.63 -12.52 -9.74
C GLY A 65 -21.23 -12.48 -10.30
N LEU A 66 -20.31 -11.75 -9.68
CA LEU A 66 -18.94 -11.73 -10.18
C LEU A 66 -18.17 -12.93 -9.65
N THR A 67 -17.20 -13.40 -10.44
CA THR A 67 -16.38 -14.49 -9.98
C THR A 67 -15.43 -13.97 -8.89
N GLU A 68 -14.86 -14.91 -8.15
CA GLU A 68 -13.95 -14.54 -7.08
C GLU A 68 -12.79 -13.69 -7.64
N SER A 69 -12.31 -14.06 -8.82
CA SER A 69 -11.21 -13.34 -9.46
CA SER A 69 -11.22 -13.34 -9.46
C SER A 69 -11.65 -11.95 -9.94
N GLN A 70 -12.85 -11.85 -10.47
CA GLN A 70 -13.36 -10.55 -10.85
C GLN A 70 -13.48 -9.62 -9.65
N VAL A 71 -13.90 -10.14 -8.49
CA VAL A 71 -14.06 -9.28 -7.31
C VAL A 71 -12.69 -8.75 -6.89
N GLN A 72 -11.68 -9.61 -6.94
CA GLN A 72 -10.33 -9.19 -6.55
C GLN A 72 -9.85 -8.10 -7.49
N GLU A 73 -10.11 -8.28 -8.78
CA GLU A 73 -9.72 -7.29 -9.78
C GLU A 73 -10.44 -5.97 -9.56
N GLN A 74 -11.73 -5.99 -9.24
CA GLN A 74 -12.41 -4.74 -9.02
CA GLN A 74 -12.46 -4.75 -8.97
C GLN A 74 -11.91 -4.06 -7.74
N LEU A 75 -11.51 -4.85 -6.71
CA LEU A 75 -10.90 -4.23 -5.53
C LEU A 75 -9.61 -3.51 -5.92
N ARG A 76 -8.78 -4.19 -6.71
CA ARG A 76 -7.51 -3.57 -7.10
C ARG A 76 -7.77 -2.28 -7.87
N ARG A 77 -8.74 -2.30 -8.76
CA ARG A 77 -9.10 -1.10 -9.49
C ARG A 77 -9.58 0.03 -8.57
N ALA A 78 -10.46 -0.30 -7.64
CA ALA A 78 -11.00 0.69 -6.73
C ALA A 78 -9.90 1.30 -5.88
N LEU A 79 -8.89 0.48 -5.54
CA LEU A 79 -7.80 0.96 -4.68
C LEU A 79 -6.87 1.91 -5.42
N GLU A 80 -7.08 2.10 -6.73
CA GLU A 80 -6.41 3.17 -7.45
C GLU A 80 -7.08 4.51 -7.28
N SER A 81 -8.29 4.52 -6.70
CA SER A 81 -9.03 5.78 -6.59
C SER A 81 -8.89 6.41 -5.19
N SER A 82 -9.28 7.67 -5.06
CA SER A 82 -9.04 8.43 -3.82
CA SER A 82 -9.07 8.45 -3.84
C SER A 82 -9.94 8.03 -2.68
N GLU A 83 -11.04 7.34 -2.96
CA GLU A 83 -11.94 6.89 -1.93
C GLU A 83 -12.76 5.73 -2.43
N LEU A 84 -13.29 4.97 -1.48
CA LEU A 84 -14.14 3.85 -1.82
CA LEU A 84 -14.14 3.81 -1.77
C LEU A 84 -15.53 4.09 -1.27
N ARG A 85 -16.49 4.00 -2.15
CA ARG A 85 -17.90 4.08 -1.77
CA ARG A 85 -17.90 4.08 -1.80
C ARG A 85 -18.40 2.65 -1.70
N VAL A 86 -18.75 2.22 -0.50
CA VAL A 86 -18.98 0.79 -0.25
C VAL A 86 -20.39 0.59 0.24
N ARG A 87 -21.17 -0.22 -0.45
CA ARG A 87 -22.55 -0.43 -0.01
C ARG A 87 -22.62 -1.72 0.79
N VAL A 88 -23.14 -1.64 2.03
CA VAL A 88 -23.16 -2.82 2.89
C VAL A 88 -24.58 -3.16 3.41
N LEU A 89 -24.79 -4.43 3.71
CA LEU A 89 -25.88 -4.86 4.59
C LEU A 89 -25.29 -5.15 5.94
N ARG A 90 -25.87 -4.60 7.00
CA ARG A 90 -25.32 -4.82 8.33
C ARG A 90 -25.63 -6.24 8.81
N GLY A 91 -24.77 -6.82 9.65
CA GLY A 91 -24.96 -8.17 10.17
C GLY A 91 -26.08 -8.33 11.18
N GLY B 107 -2.79 -4.76 -5.59
CA GLY B 107 -1.93 -5.50 -4.70
C GLY B 107 -2.40 -6.92 -4.46
N SER B 108 -1.77 -7.59 -3.51
CA SER B 108 -2.13 -8.98 -3.15
C SER B 108 -1.91 -9.33 -1.68
N GLY B 109 -2.74 -8.78 -0.80
CA GLY B 109 -2.90 -9.33 0.52
C GLY B 109 -4.04 -10.32 0.43
N VAL B 110 -3.81 -11.41 -0.32
CA VAL B 110 -4.82 -12.44 -0.56
C VAL B 110 -4.30 -13.81 -0.12
N LYS B 111 -4.97 -14.40 0.87
CA LYS B 111 -4.50 -15.66 1.43
C LYS B 111 -5.64 -16.68 1.54
N ASP B 112 -5.68 -17.64 0.61
CA ASP B 112 -6.78 -18.61 0.52
C ASP B 112 -8.18 -17.93 0.53
N GLY B 113 -8.37 -16.98 -0.38
CA GLY B 113 -9.64 -16.29 -0.49
C GLY B 113 -9.83 -15.11 0.45
N VAL B 114 -9.23 -15.17 1.64
CA VAL B 114 -9.29 -14.06 2.59
C VAL B 114 -8.49 -12.86 2.10
N LEU B 115 -9.09 -11.67 2.20
CA LEU B 115 -8.51 -10.45 1.66
C LEU B 115 -8.17 -9.50 2.81
N HIS B 116 -6.94 -8.99 2.82
CA HIS B 116 -6.59 -7.90 3.72
C HIS B 116 -6.43 -6.66 2.88
N LEU B 117 -7.15 -5.62 3.25
CA LEU B 117 -7.16 -4.37 2.51
C LEU B 117 -6.88 -3.19 3.42
N ALA C 2 -1.09 -6.61 2.29
CA ALA C 2 -2.42 -6.05 2.00
C ALA C 2 -2.61 -5.72 0.54
N MET C 3 -3.81 -5.91 0.00
CA MET C 3 -4.04 -5.45 -1.36
C MET C 3 -3.71 -3.98 -1.41
N GLY C 4 -3.11 -3.58 -2.50
CA GLY C 4 -2.82 -2.16 -2.67
C GLY C 4 -1.55 -1.69 -1.97
N ASP C 5 -0.77 -2.59 -1.39
CA ASP C 5 0.40 -2.11 -0.64
C ASP C 5 1.66 -2.07 -1.49
N GLY C 6 1.55 -2.25 -2.79
CA GLY C 6 2.76 -2.12 -3.63
C GLY C 6 3.55 -3.40 -3.73
N GLU C 7 4.84 -3.26 -4.05
CA GLU C 7 5.71 -4.39 -4.36
C GLU C 7 6.87 -4.36 -3.43
N MET C 8 7.28 -5.52 -2.93
CA MET C 8 8.48 -5.55 -2.11
CA MET C 8 8.47 -5.65 -2.11
C MET C 8 9.69 -5.92 -2.96
N LEU C 9 10.69 -5.05 -2.92
CA LEU C 9 11.92 -5.23 -3.68
C LEU C 9 13.07 -5.56 -2.72
N LEU C 10 14.11 -6.18 -3.26
CA LEU C 10 15.29 -6.50 -2.47
C LEU C 10 16.48 -5.89 -3.16
N ILE C 11 17.20 -5.07 -2.44
CA ILE C 11 18.47 -4.51 -2.94
C ILE C 11 19.61 -5.04 -2.08
N ILE C 12 20.63 -5.63 -2.69
CA ILE C 12 21.74 -6.12 -1.91
C ILE C 12 22.63 -4.90 -1.56
N ASN C 13 23.05 -4.79 -0.32
CA ASN C 13 23.85 -3.63 0.11
C ASN C 13 25.33 -3.94 -0.04
N GLU C 14 26.05 -3.06 -0.64
CA GLU C 14 27.50 -3.19 -0.75
C GLU C 14 28.08 -2.11 0.20
N TYR C 15 28.73 -2.55 1.26
CA TYR C 15 29.13 -1.60 2.30
C TYR C 15 30.18 -0.62 1.76
N GLY C 16 29.94 0.67 1.93
CA GLY C 16 30.85 1.69 1.46
C GLY C 16 30.67 2.10 0.02
N SER C 17 29.75 1.49 -0.72
CA SER C 17 29.55 1.77 -2.12
CA SER C 17 29.55 1.80 -2.13
C SER C 17 28.14 2.26 -2.42
N PRO C 18 27.99 3.23 -3.31
CA PRO C 18 26.63 3.67 -3.61
C PRO C 18 25.80 2.54 -4.23
N LEU C 19 24.51 2.52 -3.93
CA LEU C 19 23.62 1.54 -4.50
C LEU C 19 23.04 1.97 -5.83
N GLY C 20 23.16 3.26 -6.14
CA GLY C 20 22.77 3.78 -7.44
C GLY C 20 21.41 4.42 -7.51
N LEU C 21 20.95 4.99 -6.40
CA LEU C 21 19.63 5.58 -6.20
CA LEU C 21 19.68 5.68 -6.52
C LEU C 21 19.73 7.07 -5.95
N THR C 22 18.95 7.89 -6.63
CA THR C 22 18.73 9.29 -6.23
CA THR C 22 18.72 9.26 -6.17
C THR C 22 17.26 9.41 -5.86
N ALA C 23 16.96 9.94 -4.68
CA ALA C 23 15.57 10.05 -4.20
C ALA C 23 15.34 11.37 -3.49
N LEU C 24 14.09 11.74 -3.33
CA LEU C 24 13.79 12.95 -2.64
C LEU C 24 12.46 12.79 -1.95
N PRO C 25 12.28 13.54 -0.88
CA PRO C 25 11.04 13.42 -0.14
C PRO C 25 9.84 13.68 -1.00
N ASP C 26 8.83 12.83 -0.86
CA ASP C 26 7.62 12.98 -1.61
C ASP C 26 6.60 13.85 -0.94
N LYS C 27 6.71 15.11 -1.26
CA LYS C 27 5.99 16.17 -0.62
C LYS C 27 4.51 16.13 -0.97
N GLU C 28 4.20 15.90 -2.23
CA GLU C 28 2.85 16.13 -2.70
C GLU C 28 1.95 14.90 -2.53
N HIS C 29 2.55 13.73 -2.35
CA HIS C 29 1.79 12.51 -2.51
C HIS C 29 1.62 11.73 -1.23
N GLY C 30 1.91 12.35 -0.10
CA GLY C 30 1.59 11.71 1.17
C GLY C 30 2.79 11.25 1.95
N GLY C 31 3.97 11.27 1.31
CA GLY C 31 5.15 10.97 2.05
C GLY C 31 5.90 9.79 1.49
N GLY C 32 7.00 9.44 2.13
CA GLY C 32 7.89 8.49 1.49
C GLY C 32 8.94 9.20 0.64
N LEU C 33 9.63 8.41 -0.18
CA LEU C 33 10.72 8.92 -1.01
C LEU C 33 10.36 8.64 -2.45
N LEU C 34 10.48 9.64 -3.31
CA LEU C 34 10.26 9.49 -4.73
C LEU C 34 11.59 9.21 -5.43
N VAL C 35 11.66 8.13 -6.20
CA VAL C 35 12.91 7.81 -6.89
C VAL C 35 13.06 8.70 -8.14
N GLN C 36 14.17 9.45 -8.20
CA GLN C 36 14.40 10.39 -9.31
C GLN C 36 15.20 9.74 -10.43
N HIS C 37 16.11 8.87 -10.03
CA HIS C 37 17.05 8.25 -10.96
C HIS C 37 17.63 6.99 -10.38
N VAL C 38 17.84 6.02 -11.27
CA VAL C 38 18.48 4.76 -10.92
C VAL C 38 19.63 4.55 -11.90
N GLU C 39 20.83 4.31 -11.36
CA GLU C 39 22.01 4.20 -12.21
C GLU C 39 22.01 2.87 -12.95
N PRO C 40 22.32 2.91 -14.24
CA PRO C 40 22.37 1.65 -15.00
C PRO C 40 23.40 0.67 -14.43
N GLY C 41 23.01 -0.60 -14.33
CA GLY C 41 23.92 -1.64 -13.90
C GLY C 41 24.08 -1.69 -12.39
N SER C 42 23.39 -0.80 -11.66
CA SER C 42 23.61 -0.68 -10.21
C SER C 42 22.86 -1.71 -9.41
N ARG C 43 23.16 -1.76 -8.12
CA ARG C 43 22.42 -2.69 -7.22
C ARG C 43 20.98 -2.31 -7.10
N ALA C 44 20.70 -1.01 -7.12
CA ALA C 44 19.30 -0.56 -7.08
C ALA C 44 18.58 -1.00 -8.37
N GLU C 45 19.25 -0.85 -9.54
CA GLU C 45 18.61 -1.28 -10.79
C GLU C 45 18.35 -2.80 -10.79
N ARG C 46 19.32 -3.56 -10.29
CA ARG C 46 19.15 -4.99 -10.28
CA ARG C 46 19.18 -5.02 -10.23
C ARG C 46 18.00 -5.40 -9.35
N GLY C 47 17.77 -4.60 -8.31
CA GLY C 47 16.66 -4.86 -7.40
C GLY C 47 15.32 -4.41 -7.94
N ARG C 48 15.31 -3.90 -9.16
CA ARG C 48 14.13 -3.49 -9.93
C ARG C 48 13.52 -2.16 -9.46
N LEU C 49 14.33 -1.34 -8.80
CA LEU C 49 13.91 0.03 -8.54
CA LEU C 49 13.93 0.04 -8.54
C LEU C 49 13.87 0.82 -9.85
N ARG C 50 12.87 1.70 -9.99
CA ARG C 50 12.67 2.51 -11.20
C ARG C 50 12.35 3.93 -10.87
N ARG C 51 12.71 4.84 -11.78
CA ARG C 51 12.30 6.23 -11.69
C ARG C 51 10.78 6.33 -11.42
N ASP C 52 10.39 7.26 -10.54
CA ASP C 52 8.99 7.53 -10.17
C ASP C 52 8.38 6.47 -9.22
N ASP C 53 9.17 5.46 -8.82
CA ASP C 53 8.75 4.64 -7.68
C ASP C 53 8.58 5.54 -6.44
N ARG C 54 7.57 5.26 -5.63
CA ARG C 54 7.46 5.87 -4.31
C ARG C 54 7.80 4.83 -3.25
N ILE C 55 8.89 5.06 -2.53
CA ILE C 55 9.36 4.12 -1.50
C ILE C 55 8.57 4.42 -0.24
N LEU C 56 7.87 3.42 0.29
CA LEU C 56 6.99 3.58 1.44
C LEU C 56 7.54 2.98 2.72
N GLU C 57 8.50 2.08 2.60
CA GLU C 57 8.90 1.25 3.76
CA GLU C 57 8.93 1.32 3.77
C GLU C 57 10.30 0.75 3.49
N ILE C 58 11.16 0.74 4.49
CA ILE C 58 12.54 0.19 4.34
C ILE C 58 12.81 -0.70 5.52
N ASN C 59 13.11 -1.98 5.27
CA ASN C 59 13.41 -2.97 6.32
C ASN C 59 12.36 -2.92 7.39
N GLY C 60 11.08 -2.85 6.95
CA GLY C 60 9.95 -2.92 7.86
C GLY C 60 9.56 -1.63 8.54
N ILE C 61 10.31 -0.55 8.30
CA ILE C 61 10.04 0.73 8.94
C ILE C 61 9.25 1.57 7.94
N LYS C 62 7.98 1.82 8.25
CA LYS C 62 7.14 2.66 7.42
C LYS C 62 7.58 4.09 7.42
N LEU C 63 7.72 4.67 6.23
CA LEU C 63 8.22 6.03 6.13
C LEU C 63 7.15 7.10 6.27
N ILE C 64 5.89 6.77 5.95
CA ILE C 64 4.82 7.78 6.01
C ILE C 64 4.63 8.22 7.49
N GLY C 65 4.55 9.53 7.73
CA GLY C 65 4.38 10.05 9.09
C GLY C 65 5.70 10.40 9.75
N LEU C 66 6.83 9.94 9.21
CA LEU C 66 8.12 10.28 9.81
C LEU C 66 8.60 11.63 9.31
N THR C 67 9.33 12.32 10.19
CA THR C 67 9.91 13.58 9.79
C THR C 67 11.03 13.33 8.76
N GLU C 68 11.40 14.40 8.06
CA GLU C 68 12.44 14.30 7.07
C GLU C 68 13.75 13.78 7.72
N SER C 69 14.05 14.26 8.91
CA SER C 69 15.22 13.82 9.67
CA SER C 69 15.21 13.82 9.68
C SER C 69 15.11 12.36 10.10
N GLN C 70 13.94 11.94 10.54
CA GLN C 70 13.76 10.54 10.90
C GLN C 70 13.96 9.62 9.71
N VAL C 71 13.52 10.06 8.51
CA VAL C 71 13.69 9.19 7.32
C VAL C 71 15.19 9.05 7.03
N GLN C 72 15.94 10.14 7.15
CA GLN C 72 17.36 10.08 6.85
C GLN C 72 18.02 9.14 7.84
N GLU C 73 17.60 9.23 9.11
CA GLU C 73 18.16 8.37 10.12
C GLU C 73 17.84 6.89 9.87
N GLN C 74 16.62 6.59 9.45
CA GLN C 74 16.32 5.20 9.19
CA GLN C 74 16.28 5.20 9.14
C GLN C 74 17.08 4.69 7.96
N LEU C 75 17.33 5.57 6.97
CA LEU C 75 18.16 5.16 5.84
C LEU C 75 19.57 4.81 6.33
N ARG C 76 20.11 5.66 7.19
CA ARG C 76 21.47 5.39 7.67
C ARG C 76 21.52 4.07 8.40
N ARG C 77 20.52 3.82 9.23
CA ARG C 77 20.44 2.54 9.93
C ARG C 77 20.31 1.32 9.00
N ALA C 78 19.45 1.46 8.01
CA ALA C 78 19.23 0.36 7.06
C ALA C 78 20.51 0.07 6.28
N LEU C 79 21.31 1.11 6.04
CA LEU C 79 22.57 0.93 5.28
C LEU C 79 23.63 0.25 6.11
N GLU C 80 23.39 0.00 7.39
CA GLU C 80 24.27 -0.87 8.18
C GLU C 80 23.96 -2.33 7.96
N SER C 81 22.85 -2.66 7.29
CA SER C 81 22.47 -4.07 7.12
C SER C 81 22.88 -4.61 5.74
N SER C 82 22.82 -5.94 5.59
CA SER C 82 23.37 -6.57 4.39
CA SER C 82 23.32 -6.63 4.41
C SER C 82 22.47 -6.42 3.17
N GLU C 83 21.21 -6.00 3.36
CA GLU C 83 20.29 -5.81 2.26
C GLU C 83 19.18 -4.91 2.70
N LEU C 84 18.52 -4.33 1.70
CA LEU C 84 17.41 -3.46 1.96
CA LEU C 84 17.40 -3.45 1.91
C LEU C 84 16.16 -4.06 1.33
N ARG C 85 15.15 -4.24 2.16
CA ARG C 85 13.84 -4.66 1.68
CA ARG C 85 13.83 -4.67 1.72
C ARG C 85 13.00 -3.40 1.56
N VAL C 86 12.65 -3.07 0.33
CA VAL C 86 12.07 -1.76 0.05
C VAL C 86 10.70 -1.94 -0.56
N ARG C 87 9.68 -1.35 0.06
CA ARG C 87 8.33 -1.52 -0.49
C ARG C 87 8.01 -0.29 -1.33
N VAL C 88 7.59 -0.49 -2.59
CA VAL C 88 7.32 0.65 -3.46
C VAL C 88 5.93 0.61 -4.08
N LEU C 89 5.43 1.80 -4.39
CA LEU C 89 4.34 1.96 -5.37
CA LEU C 89 4.33 1.95 -5.34
C LEU C 89 4.94 2.43 -6.67
N ARG C 90 4.58 1.76 -7.76
CA ARG C 90 5.12 2.14 -9.07
C ARG C 90 4.50 3.43 -9.59
N GLY C 91 5.26 4.20 -10.39
CA GLY C 91 4.75 5.46 -10.90
C GLY C 91 3.70 5.34 -12.00
N GLY D 107 25.70 7.84 6.54
CA GLY D 107 26.41 8.75 5.67
C GLY D 107 25.65 10.04 5.40
N SER D 108 26.18 10.83 4.48
CA SER D 108 25.57 12.11 4.10
C SER D 108 25.81 12.48 2.64
N GLY D 109 25.19 11.73 1.74
CA GLY D 109 24.99 12.19 0.38
C GLY D 109 23.63 12.85 0.39
N VAL D 110 23.52 13.96 1.12
CA VAL D 110 22.26 14.69 1.27
C VAL D 110 22.44 16.15 0.83
N LYS D 111 21.72 16.56 -0.22
CA LYS D 111 21.88 17.90 -0.80
C LYS D 111 20.54 18.60 -1.01
N ASP D 112 20.18 19.52 -0.12
CA ASP D 112 18.86 20.19 -0.14
C ASP D 112 17.68 19.17 -0.21
N GLY D 113 17.68 18.22 0.71
CA GLY D 113 16.63 17.22 0.75
C GLY D 113 16.84 16.02 -0.17
N VAL D 114 17.49 16.23 -1.31
CA VAL D 114 17.78 15.14 -2.25
C VAL D 114 18.80 14.18 -1.69
N LEU D 115 18.53 12.87 -1.83
CA LEU D 115 19.36 11.84 -1.23
C LEU D 115 20.02 11.00 -2.33
N HIS D 116 21.34 10.83 -2.24
CA HIS D 116 22.04 9.88 -3.07
C HIS D 116 22.45 8.72 -2.21
N LEU D 117 22.06 7.55 -2.65
CA LEU D 117 22.31 6.30 -1.93
C LEU D 117 22.97 5.27 -2.81
#